data_8JKO
#
_entry.id   8JKO
#
_cell.length_a   116.766
_cell.length_b   116.766
_cell.length_c   153.008
_cell.angle_alpha   90.00
_cell.angle_beta   90.00
_cell.angle_gamma   120.00
#
_symmetry.space_group_name_H-M   'P 31 2 1'
#
loop_
_entity.id
_entity.type
_entity.pdbx_description
1 polymer GATA-Forward
2 polymer GATA-Reverse
3 polymer 'Interferon regulatory factor 4'
#
loop_
_entity_poly.entity_id
_entity_poly.type
_entity_poly.pdbx_seq_one_letter_code
_entity_poly.pdbx_strand_id
1 'polydeoxyribonucleotide' (DC)(DA)(DA)(DC)(DT)(DG)(DA)(DT)(DA)(DC)(DC)(DG)(DA)(DG)(DA)(DA)(DA)(DC)(DC) A,E
2 'polydeoxyribonucleotide' (DG)(DG)(DT)(DT)(DT)(DC)(DT)(DC)(DG)(DG)(DT)(DA)(DT)(DC)(DA)(DG)(DT)(DT)(DG) B,F
3 'polypeptide(L)'
;GNGKLRQWLIDQIDSGKYPGLVWENEEKSIFRIPWKHAGKQDYNREEDAALFKAWALFKGKFREGIDKPDPPTWKRRLRC
ALNKSNDFEELVERSQLDISDPYKVYRIVPEGAKKG
;
C,D,G,H
#
# COMPACT_ATOMS: atom_id res chain seq x y z
N ASN C 2 3.34 20.66 4.12
CA ASN C 2 4.31 21.28 3.23
C ASN C 2 5.71 21.28 3.85
N GLY C 3 6.71 21.03 3.00
CA GLY C 3 8.10 21.09 3.42
C GLY C 3 8.49 20.08 4.50
N LYS C 4 8.15 18.81 4.29
CA LYS C 4 8.51 17.78 5.26
C LYS C 4 9.92 17.25 5.06
N LEU C 5 10.43 17.27 3.81
CA LEU C 5 11.70 16.62 3.51
C LEU C 5 12.87 17.26 4.26
N ARG C 6 13.03 18.58 4.12
CA ARG C 6 14.16 19.28 4.72
C ARG C 6 14.28 18.97 6.21
N GLN C 7 13.24 19.27 6.97
CA GLN C 7 13.28 19.04 8.41
C GLN C 7 13.51 17.57 8.74
N TRP C 8 12.83 16.68 8.00
CA TRP C 8 12.96 15.25 8.28
C TRP C 8 14.40 14.78 8.08
N LEU C 9 15.04 15.21 6.99
CA LEU C 9 16.39 14.75 6.71
C LEU C 9 17.38 15.29 7.73
N ILE C 10 17.21 16.56 8.14
CA ILE C 10 18.04 17.11 9.20
C ILE C 10 17.90 16.28 10.48
N ASP C 11 16.64 15.98 10.85
CA ASP C 11 16.39 15.14 12.01
C ASP C 11 17.08 13.78 11.87
N GLN C 12 17.03 13.21 10.65
CA GLN C 12 17.64 11.90 10.44
C GLN C 12 19.16 11.96 10.56
N ILE C 13 19.78 13.08 10.19
CA ILE C 13 21.22 13.22 10.36
C ILE C 13 21.55 13.46 11.83
N ASP C 14 20.86 14.40 12.48
CA ASP C 14 21.05 14.64 13.90
C ASP C 14 20.75 13.40 14.74
N SER C 15 19.93 12.48 14.22
CA SER C 15 19.51 11.32 15.00
C SER C 15 20.68 10.41 15.31
N GLY C 16 21.64 10.28 14.39
CA GLY C 16 22.75 9.36 14.61
C GLY C 16 22.41 7.89 14.45
N LYS C 17 21.19 7.57 14.01
CA LYS C 17 20.78 6.19 13.82
C LYS C 17 21.32 5.57 12.54
N TYR C 18 21.97 6.36 11.69
CA TYR C 18 22.41 5.90 10.36
C TYR C 18 23.90 6.10 10.21
N PRO C 19 24.70 5.03 10.27
CA PRO C 19 26.15 5.19 10.13
C PRO C 19 26.52 5.70 8.75
N GLY C 20 27.35 6.74 8.72
CA GLY C 20 27.74 7.39 7.50
C GLY C 20 26.92 8.61 7.15
N LEU C 21 25.73 8.77 7.75
CA LEU C 21 24.92 9.96 7.57
C LEU C 21 25.41 11.01 8.56
N VAL C 22 26.44 11.76 8.15
CA VAL C 22 27.16 12.64 9.05
C VAL C 22 27.27 14.03 8.44
N TRP C 23 27.34 15.03 9.32
CA TRP C 23 27.67 16.38 8.91
C TRP C 23 29.15 16.44 8.53
N GLU C 24 29.49 17.44 7.71
CA GLU C 24 30.87 17.59 7.24
C GLU C 24 31.43 18.98 7.51
N ASN C 25 30.70 19.84 8.21
CA ASN C 25 31.22 21.12 8.68
C ASN C 25 30.48 21.51 9.95
N GLU C 26 31.07 22.47 10.68
CA GLU C 26 30.50 22.88 11.96
C GLU C 26 29.14 23.52 11.78
N GLU C 27 28.95 24.27 10.70
CA GLU C 27 27.74 25.05 10.49
C GLU C 27 26.51 24.18 10.24
N LYS C 28 26.68 22.86 10.15
CA LYS C 28 25.59 21.94 9.84
C LYS C 28 24.90 22.34 8.53
N SER C 29 25.73 22.60 7.51
CA SER C 29 25.24 23.04 6.21
C SER C 29 25.57 22.10 5.08
N ILE C 30 26.52 21.18 5.25
CA ILE C 30 26.80 20.13 4.27
C ILE C 30 26.90 18.80 5.00
N PHE C 31 26.43 17.74 4.34
CA PHE C 31 26.43 16.42 4.93
C PHE C 31 26.76 15.37 3.87
N ARG C 32 27.25 14.23 4.36
CA ARG C 32 27.54 13.08 3.52
C ARG C 32 26.45 12.04 3.73
N ILE C 33 26.08 11.34 2.65
CA ILE C 33 25.04 10.31 2.70
C ILE C 33 25.54 9.06 2.00
N PRO C 34 25.60 7.90 2.67
CA PRO C 34 26.11 6.69 2.02
C PRO C 34 25.22 6.28 0.86
N TRP C 35 25.85 5.76 -0.19
CA TRP C 35 25.14 5.45 -1.43
C TRP C 35 25.63 4.10 -1.99
N LYS C 36 25.42 3.04 -1.22
CA LYS C 36 25.89 1.73 -1.60
C LYS C 36 24.94 1.07 -2.61
N HIS C 37 25.51 0.33 -3.55
CA HIS C 37 24.72 -0.38 -4.54
C HIS C 37 24.24 -1.71 -3.97
N ALA C 38 22.98 -2.04 -4.24
CA ALA C 38 22.38 -3.24 -3.67
C ALA C 38 22.96 -4.53 -4.25
N GLY C 39 23.58 -4.48 -5.42
CA GLY C 39 24.15 -5.69 -5.99
C GLY C 39 25.46 -6.07 -5.35
N LYS C 40 26.28 -5.08 -5.01
CA LYS C 40 27.64 -5.33 -4.52
C LYS C 40 27.62 -6.08 -3.19
N GLN C 41 28.76 -6.69 -2.87
CA GLN C 41 28.84 -7.57 -1.70
C GLN C 41 28.86 -6.78 -0.40
N ASP C 42 29.40 -5.56 -0.42
CA ASP C 42 29.54 -4.76 0.78
C ASP C 42 28.20 -4.12 1.16
N TYR C 43 27.12 -4.66 0.61
CA TYR C 43 25.78 -4.12 0.81
C TYR C 43 25.14 -4.84 1.98
N ASN C 44 25.33 -4.29 3.17
CA ASN C 44 24.60 -4.72 4.35
C ASN C 44 23.16 -4.25 4.18
N ARG C 45 22.23 -5.20 4.01
CA ARG C 45 20.86 -4.86 3.64
C ARG C 45 20.19 -3.99 4.71
N GLU C 46 20.33 -4.36 5.98
CA GLU C 46 19.64 -3.63 7.03
C GLU C 46 20.12 -2.19 7.11
N GLU C 47 21.44 -1.98 7.14
CA GLU C 47 21.97 -0.66 7.39
C GLU C 47 21.99 0.21 6.14
N ASP C 48 22.21 -0.37 4.96
CA ASP C 48 22.33 0.43 3.74
C ASP C 48 20.99 0.78 3.12
N ALA C 49 19.91 0.09 3.50
CA ALA C 49 18.58 0.43 3.02
C ALA C 49 17.75 1.15 4.07
N ALA C 50 18.32 1.40 5.26
CA ALA C 50 17.53 1.84 6.40
C ALA C 50 16.94 3.23 6.17
N LEU C 51 17.76 4.18 5.70
CA LEU C 51 17.29 5.55 5.55
C LEU C 51 16.20 5.65 4.50
N PHE C 52 16.33 4.89 3.40
CA PHE C 52 15.29 4.88 2.39
C PHE C 52 13.99 4.30 2.95
N LYS C 53 14.09 3.17 3.66
CA LYS C 53 12.91 2.61 4.32
C LYS C 53 12.29 3.61 5.28
N ALA C 54 13.13 4.40 5.97
CA ALA C 54 12.61 5.39 6.91
C ALA C 54 11.82 6.48 6.20
N TRP C 55 12.22 6.85 4.98
CA TRP C 55 11.47 7.86 4.23
C TRP C 55 10.17 7.30 3.66
N ALA C 56 10.17 6.03 3.26
CA ALA C 56 8.94 5.40 2.80
C ALA C 56 7.95 5.22 3.94
N LEU C 57 8.45 4.91 5.14
CA LEU C 57 7.59 4.79 6.31
C LEU C 57 7.05 6.15 6.73
N PHE C 58 7.90 7.18 6.71
CA PHE C 58 7.49 8.50 7.17
C PHE C 58 6.33 9.06 6.35
N LYS C 59 6.35 8.83 5.03
CA LYS C 59 5.30 9.33 4.16
C LYS C 59 4.14 8.36 4.00
N GLY C 60 4.16 7.23 4.72
CA GLY C 60 3.08 6.28 4.62
C GLY C 60 3.05 5.46 3.33
N LYS C 61 4.11 5.53 2.52
CA LYS C 61 4.14 4.75 1.28
C LYS C 61 4.35 3.28 1.55
N PHE C 62 5.08 2.93 2.61
CA PHE C 62 5.25 1.55 3.02
C PHE C 62 4.70 1.35 4.42
N ARG C 63 3.99 0.24 4.61
CA ARG C 63 3.44 -0.13 5.91
C ARG C 63 3.86 -1.55 6.23
N GLU C 64 4.58 -1.73 7.35
CA GLU C 64 5.12 -3.03 7.69
C GLU C 64 4.00 -4.04 7.90
N GLY C 65 4.21 -5.26 7.39
CA GLY C 65 3.19 -6.29 7.45
C GLY C 65 1.97 -6.03 6.59
N ILE C 66 2.03 -5.05 5.69
CA ILE C 66 0.94 -4.76 4.77
C ILE C 66 1.40 -4.79 3.33
N ASP C 67 2.55 -4.21 3.03
CA ASP C 67 3.06 -4.10 1.67
C ASP C 67 4.38 -4.86 1.56
N LYS C 68 4.69 -5.30 0.35
CA LYS C 68 5.94 -5.99 0.10
C LYS C 68 7.08 -4.99 0.10
N PRO C 69 8.09 -5.15 0.96
CA PRO C 69 9.27 -4.27 0.90
C PRO C 69 9.87 -4.19 -0.50
N ASP C 70 10.34 -3.00 -0.87
CA ASP C 70 10.99 -2.80 -2.16
C ASP C 70 12.06 -1.73 -1.99
N PRO C 71 13.26 -2.13 -1.57
CA PRO C 71 14.34 -1.16 -1.34
C PRO C 71 14.70 -0.35 -2.57
N PRO C 72 14.77 -0.97 -3.77
CA PRO C 72 15.07 -0.14 -4.96
C PRO C 72 14.09 1.00 -5.19
N THR C 73 12.80 0.80 -4.90
CA THR C 73 11.85 1.90 -5.03
C THR C 73 12.08 2.96 -3.96
N TRP C 74 12.37 2.54 -2.73
CA TRP C 74 12.69 3.49 -1.66
C TRP C 74 13.93 4.31 -2.02
N LYS C 75 14.93 3.67 -2.62
CA LYS C 75 16.14 4.38 -3.03
C LYS C 75 15.81 5.42 -4.10
N ARG C 76 15.07 5.03 -5.13
CA ARG C 76 14.73 5.94 -6.21
C ARG C 76 13.86 7.10 -5.72
N ARG C 77 12.92 6.80 -4.82
CA ARG C 77 12.03 7.84 -4.31
C ARG C 77 12.82 8.96 -3.63
N LEU C 78 13.80 8.60 -2.79
CA LEU C 78 14.56 9.62 -2.08
C LEU C 78 15.49 10.37 -3.02
N ARG C 79 16.07 9.68 -4.02
CA ARG C 79 16.94 10.37 -4.96
C ARG C 79 16.17 11.37 -5.81
N CYS C 80 15.04 10.93 -6.39
CA CYS C 80 14.19 11.84 -7.16
C CYS C 80 13.78 13.04 -6.32
N ALA C 81 13.46 12.82 -5.04
CA ALA C 81 13.05 13.91 -4.17
C ALA C 81 14.21 14.87 -3.91
N LEU C 82 15.40 14.34 -3.66
CA LEU C 82 16.55 15.21 -3.37
C LEU C 82 16.92 16.05 -4.59
N ASN C 83 16.81 15.47 -5.79
CA ASN C 83 17.11 16.21 -7.01
C ASN C 83 16.09 17.32 -7.23
N LYS C 84 14.80 17.00 -7.07
CA LYS C 84 13.74 17.98 -7.28
C LYS C 84 13.85 19.15 -6.30
N SER C 85 14.11 18.87 -5.04
CA SER C 85 14.04 19.88 -4.00
C SER C 85 15.09 20.95 -4.20
N ASN C 86 14.68 22.20 -3.99
CA ASN C 86 15.62 23.32 -3.98
C ASN C 86 16.41 23.39 -2.69
N ASP C 87 15.87 22.83 -1.59
CA ASP C 87 16.54 22.89 -0.30
C ASP C 87 17.89 22.18 -0.33
N PHE C 88 18.05 21.17 -1.17
CA PHE C 88 19.28 20.39 -1.25
C PHE C 88 19.89 20.51 -2.64
N GLU C 89 21.22 20.56 -2.67
CA GLU C 89 21.96 20.62 -3.93
C GLU C 89 23.20 19.74 -3.79
N GLU C 90 23.30 18.70 -4.61
CA GLU C 90 24.43 17.78 -4.52
C GLU C 90 25.69 18.44 -5.07
N LEU C 91 26.80 18.23 -4.38
CA LEU C 91 28.10 18.76 -4.77
C LEU C 91 28.89 17.63 -5.43
N VAL C 92 28.94 17.66 -6.76
CA VAL C 92 29.37 16.48 -7.53
C VAL C 92 30.89 16.36 -7.56
N GLU C 93 31.63 17.48 -7.53
CA GLU C 93 33.08 17.37 -7.52
C GLU C 93 33.60 16.76 -6.23
N ARG C 94 32.73 16.55 -5.23
CA ARG C 94 33.11 16.00 -3.94
C ARG C 94 32.36 14.71 -3.62
N SER C 95 31.38 14.33 -4.42
CA SER C 95 30.75 13.01 -4.30
C SER C 95 31.68 11.95 -4.87
N SER C 100 35.16 2.13 -2.14
CA SER C 100 34.56 0.89 -1.66
C SER C 100 33.37 1.18 -0.75
N ASP C 101 33.32 2.41 -0.21
CA ASP C 101 32.18 2.92 0.54
C ASP C 101 31.70 4.19 -0.16
N PRO C 102 30.94 4.05 -1.24
CA PRO C 102 30.54 5.23 -2.01
C PRO C 102 29.51 6.06 -1.25
N TYR C 103 29.37 7.31 -1.67
CA TYR C 103 28.52 8.25 -0.96
C TYR C 103 28.14 9.39 -1.91
N LYS C 104 27.29 10.27 -1.40
CA LYS C 104 26.97 11.54 -2.02
C LYS C 104 27.10 12.63 -0.98
N VAL C 105 27.40 13.84 -1.42
CA VAL C 105 27.46 15.00 -0.54
C VAL C 105 26.45 16.02 -1.03
N TYR C 106 25.71 16.61 -0.09
CA TYR C 106 24.64 17.55 -0.40
C TYR C 106 24.80 18.79 0.47
N ARG C 107 24.60 19.96 -0.14
CA ARG C 107 24.59 21.21 0.58
C ARG C 107 23.15 21.67 0.77
N ILE C 108 22.85 22.19 1.95
CA ILE C 108 21.53 22.72 2.26
C ILE C 108 21.54 24.22 1.99
N VAL C 109 20.56 24.69 1.22
CA VAL C 109 20.46 26.12 0.90
C VAL C 109 19.39 26.74 1.79
N PRO C 110 19.57 28.01 2.19
CA PRO C 110 18.60 28.72 3.04
C PRO C 110 17.40 29.25 2.24
N GLY D 3 -20.78 26.29 -13.71
CA GLY D 3 -20.12 25.02 -13.91
C GLY D 3 -20.37 24.44 -15.28
N LYS D 4 -19.60 24.92 -16.27
CA LYS D 4 -19.76 24.42 -17.62
C LYS D 4 -19.23 23.00 -17.80
N LEU D 5 -18.50 22.47 -16.82
CA LEU D 5 -17.88 21.13 -16.99
C LEU D 5 -18.97 20.07 -17.14
N ARG D 6 -19.73 19.81 -16.08
CA ARG D 6 -20.74 18.73 -16.12
C ARG D 6 -21.56 18.42 -17.37
N GLN D 7 -22.06 19.45 -18.05
CA GLN D 7 -22.65 19.25 -19.39
C GLN D 7 -21.53 19.09 -20.40
N TRP D 8 -20.62 20.05 -20.44
CA TRP D 8 -19.56 20.01 -21.45
C TRP D 8 -19.15 18.57 -21.70
N LEU D 9 -19.08 17.75 -20.65
CA LEU D 9 -18.56 16.41 -20.77
C LEU D 9 -19.56 15.45 -21.41
N ILE D 10 -20.84 15.46 -20.98
CA ILE D 10 -21.82 14.58 -21.64
C ILE D 10 -21.92 14.90 -23.11
N ASP D 11 -21.81 16.18 -23.47
CA ASP D 11 -21.81 16.54 -24.88
C ASP D 11 -20.64 15.90 -25.63
N GLN D 12 -19.47 15.82 -24.99
CA GLN D 12 -18.35 15.16 -25.66
C GLN D 12 -18.48 13.64 -25.64
N ILE D 13 -19.20 13.08 -24.66
CA ILE D 13 -19.38 11.64 -24.65
C ILE D 13 -20.37 11.24 -25.74
N ASP D 14 -21.55 11.86 -25.73
CA ASP D 14 -22.57 11.57 -26.74
C ASP D 14 -22.06 11.85 -28.14
N SER D 15 -21.13 12.81 -28.26
CA SER D 15 -20.48 13.05 -29.54
C SER D 15 -19.76 11.80 -30.03
N GLY D 16 -18.98 11.18 -29.14
CA GLY D 16 -18.23 9.98 -29.53
C GLY D 16 -17.06 10.35 -30.40
N LYS D 17 -16.61 11.60 -30.32
CA LYS D 17 -15.50 12.08 -31.17
C LYS D 17 -14.17 11.66 -30.54
N TYR D 18 -14.21 10.80 -29.54
CA TYR D 18 -12.96 10.42 -28.83
C TYR D 18 -12.92 8.91 -28.57
N PRO D 19 -12.07 8.12 -29.26
CA PRO D 19 -11.95 6.70 -28.91
C PRO D 19 -11.65 6.53 -27.44
N GLY D 20 -12.05 5.37 -26.91
CA GLY D 20 -11.88 5.06 -25.51
C GLY D 20 -12.77 5.82 -24.55
N LEU D 21 -13.51 6.81 -25.04
CA LEU D 21 -14.38 7.65 -24.21
C LEU D 21 -15.81 7.27 -24.56
N VAL D 22 -16.38 6.35 -23.76
CA VAL D 22 -17.64 5.69 -24.07
C VAL D 22 -18.56 5.75 -22.86
N TRP D 23 -19.84 5.47 -23.10
CA TRP D 23 -20.78 5.18 -22.03
C TRP D 23 -20.62 3.75 -21.56
N GLU D 24 -21.04 3.50 -20.33
CA GLU D 24 -20.99 2.15 -19.77
C GLU D 24 -22.37 1.55 -19.54
N ASN D 25 -23.43 2.34 -19.67
CA ASN D 25 -24.79 1.82 -19.56
C ASN D 25 -25.70 2.61 -20.49
N GLU D 26 -26.88 2.05 -20.75
CA GLU D 26 -27.87 2.74 -21.56
C GLU D 26 -28.60 3.83 -20.80
N GLU D 27 -28.29 4.00 -19.52
CA GLU D 27 -28.88 5.05 -18.70
C GLU D 27 -28.13 6.38 -18.81
N LYS D 28 -26.98 6.40 -19.50
CA LYS D 28 -26.17 7.60 -19.69
C LYS D 28 -25.63 8.13 -18.36
N SER D 29 -25.35 7.22 -17.42
CA SER D 29 -24.99 7.60 -16.06
C SER D 29 -23.58 7.21 -15.63
N ILE D 30 -22.93 6.26 -16.30
CA ILE D 30 -21.57 5.85 -15.97
C ILE D 30 -20.77 5.74 -17.26
N PHE D 31 -19.55 6.27 -17.26
CA PHE D 31 -18.75 6.34 -18.47
C PHE D 31 -17.29 6.04 -18.17
N ARG D 32 -16.56 5.75 -19.24
CA ARG D 32 -15.12 5.57 -19.19
C ARG D 32 -14.44 6.81 -19.79
N ILE D 33 -13.28 7.14 -19.25
CA ILE D 33 -12.47 8.22 -19.79
C ILE D 33 -11.03 7.74 -19.85
N PRO D 34 -10.41 7.72 -21.04
CA PRO D 34 -9.04 7.18 -21.14
C PRO D 34 -8.07 8.03 -20.34
N TRP D 35 -7.06 7.37 -19.78
CA TRP D 35 -6.16 7.96 -18.80
C TRP D 35 -4.74 7.49 -19.08
N LYS D 36 -4.29 7.71 -20.31
CA LYS D 36 -2.98 7.23 -20.73
C LYS D 36 -1.87 8.17 -20.26
N HIS D 37 -0.69 7.58 -20.06
CA HIS D 37 0.50 8.32 -19.67
C HIS D 37 1.32 8.62 -20.91
N ALA D 38 1.68 9.89 -21.09
CA ALA D 38 2.48 10.28 -22.24
C ALA D 38 3.85 9.62 -22.18
N GLY D 39 4.47 9.48 -23.35
CA GLY D 39 5.85 9.03 -23.42
C GLY D 39 6.77 10.23 -23.63
N LYS D 40 7.50 10.22 -24.73
CA LYS D 40 8.20 11.42 -25.18
C LYS D 40 7.38 12.22 -26.18
N GLN D 41 6.24 11.69 -26.62
CA GLN D 41 5.44 12.31 -27.66
C GLN D 41 3.99 12.46 -27.24
N TYR D 43 3.12 8.21 -30.93
CA TYR D 43 2.20 7.19 -30.44
C TYR D 43 0.84 7.81 -30.10
N ASN D 44 0.19 8.36 -31.12
CA ASN D 44 -1.15 8.94 -30.98
C ASN D 44 -1.15 10.14 -30.02
N ARG D 45 -0.14 11.00 -30.15
CA ARG D 45 -0.01 12.13 -29.23
C ARG D 45 -1.09 13.19 -29.45
N GLU D 46 -1.79 13.17 -30.59
CA GLU D 46 -2.86 14.12 -30.82
C GLU D 46 -4.25 13.51 -30.74
N GLU D 47 -4.41 12.25 -31.11
CA GLU D 47 -5.69 11.57 -30.89
C GLU D 47 -6.00 11.51 -29.41
N ASP D 48 -5.00 11.18 -28.59
CA ASP D 48 -5.21 11.07 -27.15
C ASP D 48 -5.31 12.43 -26.47
N ALA D 49 -4.60 13.43 -26.98
CA ALA D 49 -4.65 14.78 -26.41
C ALA D 49 -5.88 15.56 -26.83
N ALA D 50 -6.73 15.00 -27.71
CA ALA D 50 -7.82 15.76 -28.30
C ALA D 50 -8.78 16.28 -27.23
N LEU D 51 -9.11 15.45 -26.24
CA LEU D 51 -10.07 15.86 -25.22
C LEU D 51 -9.52 17.00 -24.37
N PHE D 52 -8.26 16.89 -23.95
CA PHE D 52 -7.65 17.94 -23.16
C PHE D 52 -7.50 19.23 -23.97
N LYS D 53 -7.16 19.09 -25.24
CA LYS D 53 -7.15 20.24 -26.15
C LYS D 53 -8.54 20.85 -26.25
N ALA D 54 -9.55 20.01 -26.48
CA ALA D 54 -10.92 20.50 -26.57
C ALA D 54 -11.31 21.31 -25.34
N TRP D 55 -10.86 20.89 -24.16
CA TRP D 55 -11.26 21.56 -22.93
C TRP D 55 -10.60 22.91 -22.77
N ALA D 56 -9.31 23.01 -23.15
CA ALA D 56 -8.62 24.29 -23.06
C ALA D 56 -9.06 25.25 -24.15
N LEU D 57 -9.35 24.72 -25.35
CA LEU D 57 -9.95 25.54 -26.39
C LEU D 57 -11.30 26.09 -25.94
N PHE D 58 -12.14 25.22 -25.40
CA PHE D 58 -13.49 25.61 -24.98
C PHE D 58 -13.43 26.74 -23.94
N LYS D 59 -12.78 26.48 -22.82
CA LYS D 59 -12.72 27.47 -21.75
C LYS D 59 -11.75 28.61 -22.04
N GLY D 60 -11.26 28.73 -23.27
CA GLY D 60 -10.42 29.86 -23.63
C GLY D 60 -9.09 29.89 -22.90
N LYS D 61 -8.56 28.73 -22.52
CA LYS D 61 -7.21 28.66 -21.95
C LYS D 61 -6.15 28.50 -23.02
N PHE D 62 -6.54 28.14 -24.25
CA PHE D 62 -5.62 27.99 -25.37
C PHE D 62 -6.30 28.51 -26.62
N ARG D 63 -5.68 29.56 -27.17
CA ARG D 63 -6.18 30.18 -28.41
C ARG D 63 -5.12 29.95 -29.49
N GLU D 64 -5.45 29.14 -30.50
CA GLU D 64 -4.44 28.81 -31.55
C GLU D 64 -3.81 30.12 -32.02
N GLY D 65 -2.49 30.11 -32.26
CA GLY D 65 -1.82 31.31 -32.79
C GLY D 65 -1.56 32.32 -31.69
N ILE D 66 -1.92 31.99 -30.45
CA ILE D 66 -1.59 32.93 -29.34
C ILE D 66 -0.81 32.18 -28.27
N ASP D 67 -1.11 30.89 -28.05
CA ASP D 67 -0.39 30.26 -26.96
C ASP D 67 0.38 29.05 -27.47
N LYS D 68 1.50 28.74 -26.81
CA LYS D 68 2.24 27.53 -27.14
C LYS D 68 1.45 26.31 -26.66
N PRO D 69 1.25 25.30 -27.52
CA PRO D 69 0.56 24.09 -27.07
C PRO D 69 1.32 23.42 -25.93
N ASP D 70 0.56 22.73 -25.08
CA ASP D 70 1.11 22.14 -23.85
C ASP D 70 0.20 21.00 -23.43
N PRO D 71 0.40 19.81 -23.99
CA PRO D 71 -0.42 18.64 -23.61
C PRO D 71 -0.39 18.37 -22.12
N PRO D 72 0.79 18.35 -21.47
CA PRO D 72 0.81 18.04 -20.01
C PRO D 72 -0.13 18.88 -19.16
N THR D 73 -0.23 20.19 -19.42
CA THR D 73 -1.08 21.01 -18.56
C THR D 73 -2.53 21.02 -19.01
N TRP D 74 -2.82 20.67 -20.27
CA TRP D 74 -4.21 20.48 -20.66
C TRP D 74 -4.81 19.25 -19.99
N LYS D 75 -4.08 18.13 -19.97
CA LYS D 75 -4.60 16.97 -19.29
C LYS D 75 -4.69 17.24 -17.78
N ARG D 76 -3.69 17.93 -17.21
CA ARG D 76 -3.70 18.21 -15.79
C ARG D 76 -4.94 19.01 -15.40
N ARG D 77 -5.20 20.12 -16.11
CA ARG D 77 -6.34 20.98 -15.80
C ARG D 77 -7.64 20.20 -15.81
N LEU D 78 -7.88 19.46 -16.89
CA LEU D 78 -9.09 18.65 -16.97
C LEU D 78 -9.17 17.63 -15.86
N ARG D 79 -8.02 17.07 -15.46
CA ARG D 79 -8.02 16.04 -14.42
C ARG D 79 -8.25 16.64 -13.04
N CYS D 80 -7.57 17.74 -12.72
CA CYS D 80 -7.84 18.44 -11.47
C CYS D 80 -9.28 18.93 -11.40
N ALA D 81 -9.88 19.25 -12.54
CA ALA D 81 -11.27 19.67 -12.54
C ALA D 81 -12.19 18.48 -12.23
N LEU D 82 -11.98 17.35 -12.91
CA LEU D 82 -12.87 16.20 -12.74
C LEU D 82 -12.81 15.65 -11.33
N ASN D 83 -11.63 15.64 -10.71
CA ASN D 83 -11.48 15.06 -9.38
C ASN D 83 -12.12 15.95 -8.32
N LYS D 84 -11.96 17.26 -8.44
CA LYS D 84 -12.56 18.20 -7.50
C LYS D 84 -14.05 18.42 -7.75
N SER D 85 -14.53 18.14 -8.95
CA SER D 85 -15.92 18.42 -9.29
C SER D 85 -16.86 17.62 -8.42
N ASN D 86 -18.03 18.20 -8.14
CA ASN D 86 -19.07 17.52 -7.38
C ASN D 86 -20.10 16.85 -8.27
N ASP D 87 -20.16 17.21 -9.56
CA ASP D 87 -21.11 16.62 -10.49
C ASP D 87 -20.72 15.22 -10.93
N PHE D 88 -19.49 14.81 -10.65
CA PHE D 88 -19.00 13.48 -11.00
C PHE D 88 -18.37 12.84 -9.78
N GLU D 89 -18.41 11.52 -9.71
CA GLU D 89 -17.64 10.78 -8.73
C GLU D 89 -16.96 9.64 -9.46
N GLU D 90 -15.76 9.30 -9.02
CA GLU D 90 -15.03 8.18 -9.60
C GLU D 90 -15.39 6.88 -8.88
N LEU D 91 -15.60 5.82 -9.67
CA LEU D 91 -15.89 4.50 -9.14
C LEU D 91 -14.57 3.72 -9.12
N VAL D 92 -13.77 4.00 -8.08
CA VAL D 92 -12.40 3.49 -8.02
C VAL D 92 -12.37 1.98 -8.16
N GLU D 93 -13.39 1.29 -7.63
CA GLU D 93 -13.47 -0.15 -7.72
C GLU D 93 -13.62 -0.66 -9.16
N ARG D 94 -13.98 0.22 -10.10
CA ARG D 94 -14.06 -0.18 -11.50
C ARG D 94 -13.00 0.47 -12.39
N SER D 95 -12.24 1.44 -11.87
CA SER D 95 -11.18 2.06 -12.65
C SER D 95 -10.11 1.02 -12.99
N GLN D 96 -9.43 1.24 -14.12
CA GLN D 96 -8.46 0.26 -14.64
C GLN D 96 -7.22 1.00 -15.13
N LEU D 97 -6.23 1.14 -14.24
CA LEU D 97 -4.98 1.80 -14.57
C LEU D 97 -3.84 0.80 -14.71
N ASP D 98 -4.15 -0.48 -14.94
CA ASP D 98 -3.15 -1.54 -15.09
C ASP D 98 -3.52 -2.40 -16.30
N ILE D 99 -3.67 -1.75 -17.45
CA ILE D 99 -3.94 -2.44 -18.72
C ILE D 99 -3.41 -1.58 -19.87
N SER D 100 -3.28 -2.23 -21.03
CA SER D 100 -3.10 -1.47 -22.26
C SER D 100 -4.43 -0.81 -22.63
N ASP D 101 -4.34 0.45 -23.07
CA ASP D 101 -5.51 1.33 -23.20
C ASP D 101 -6.21 1.44 -21.86
N PRO D 102 -5.61 2.10 -20.88
CA PRO D 102 -6.23 2.20 -19.55
C PRO D 102 -7.26 3.31 -19.51
N TYR D 103 -8.07 3.28 -18.45
CA TYR D 103 -9.15 4.24 -18.30
C TYR D 103 -9.56 4.34 -16.83
N LYS D 104 -10.30 5.41 -16.54
CA LYS D 104 -10.95 5.64 -15.26
C LYS D 104 -12.45 5.75 -15.48
N VAL D 105 -13.22 5.33 -14.50
CA VAL D 105 -14.68 5.24 -14.63
C VAL D 105 -15.32 6.19 -13.63
N TYR D 106 -16.31 6.95 -14.09
CA TYR D 106 -16.96 7.97 -13.28
C TYR D 106 -18.47 7.81 -13.37
N ARG D 107 -19.18 8.34 -12.38
CA ARG D 107 -20.64 8.36 -12.37
C ARG D 107 -21.12 9.80 -12.30
N ILE D 108 -22.12 10.13 -13.11
CA ILE D 108 -22.76 11.44 -13.06
C ILE D 108 -23.81 11.42 -11.96
N VAL D 109 -23.67 12.30 -10.97
CA VAL D 109 -24.65 12.41 -9.90
C VAL D 109 -25.74 13.40 -10.35
N PRO D 110 -27.01 13.09 -10.15
CA PRO D 110 -28.08 13.99 -10.60
C PRO D 110 -28.25 15.19 -9.68
N GLU D 111 -28.60 16.32 -10.31
CA GLU D 111 -28.88 17.55 -9.60
C GLU D 111 -29.45 18.59 -10.58
N ASN G 2 -14.94 -2.67 14.52
CA ASN G 2 -15.41 -4.04 14.69
C ASN G 2 -16.68 -4.29 13.87
N GLY G 3 -16.74 -5.46 13.23
CA GLY G 3 -17.91 -5.84 12.44
C GLY G 3 -18.13 -5.02 11.20
N LYS G 4 -17.08 -4.78 10.41
CA LYS G 4 -17.25 -3.97 9.20
C LYS G 4 -17.74 -4.78 8.01
N LEU G 5 -17.37 -6.06 7.92
CA LEU G 5 -17.62 -6.82 6.70
C LEU G 5 -19.11 -7.05 6.47
N ARG G 6 -19.82 -7.52 7.49
CA ARG G 6 -21.23 -7.87 7.36
C ARG G 6 -22.04 -6.70 6.79
N GLN G 7 -21.98 -5.55 7.46
CA GLN G 7 -22.74 -4.40 7.01
C GLN G 7 -22.26 -3.92 5.64
N TRP G 8 -20.95 -3.98 5.39
CA TRP G 8 -20.42 -3.54 4.11
C TRP G 8 -20.93 -4.41 2.97
N LEU G 9 -21.04 -5.72 3.19
CA LEU G 9 -21.47 -6.61 2.12
C LEU G 9 -22.97 -6.51 1.88
N ILE G 10 -23.77 -6.33 2.95
CA ILE G 10 -25.19 -6.05 2.78
C ILE G 10 -25.40 -4.84 1.88
N ASP G 11 -24.65 -3.76 2.16
CA ASP G 11 -24.78 -2.54 1.38
C ASP G 11 -24.42 -2.77 -0.08
N GLN G 12 -23.40 -3.59 -0.33
CA GLN G 12 -22.97 -3.86 -1.71
C GLN G 12 -24.09 -4.53 -2.50
N ILE G 13 -24.70 -5.57 -1.93
CA ILE G 13 -25.77 -6.28 -2.62
C ILE G 13 -26.95 -5.35 -2.88
N ASP G 14 -27.35 -4.59 -1.86
CA ASP G 14 -28.46 -3.66 -1.99
C ASP G 14 -28.22 -2.66 -3.11
N SER G 15 -26.97 -2.26 -3.31
CA SER G 15 -26.65 -1.19 -4.25
C SER G 15 -26.95 -1.59 -5.69
N GLY G 16 -26.78 -2.86 -6.04
CA GLY G 16 -26.90 -3.26 -7.43
C GLY G 16 -25.75 -2.84 -8.31
N LYS G 17 -24.68 -2.29 -7.72
CA LYS G 17 -23.52 -1.87 -8.51
C LYS G 17 -22.82 -3.02 -9.19
N TYR G 18 -23.01 -4.24 -8.71
CA TYR G 18 -22.25 -5.40 -9.18
C TYR G 18 -23.19 -6.40 -9.85
N PRO G 19 -23.11 -6.59 -11.17
CA PRO G 19 -24.00 -7.57 -11.81
C PRO G 19 -23.68 -8.98 -11.36
N GLY G 20 -24.71 -9.67 -10.86
CA GLY G 20 -24.58 -10.98 -10.28
C GLY G 20 -24.66 -10.98 -8.76
N LEU G 21 -24.29 -9.88 -8.12
CA LEU G 21 -24.48 -9.71 -6.68
C LEU G 21 -25.94 -9.39 -6.40
N VAL G 22 -26.75 -10.43 -6.27
CA VAL G 22 -28.19 -10.27 -6.09
C VAL G 22 -28.66 -11.17 -4.96
N TRP G 23 -29.68 -10.69 -4.23
CA TRP G 23 -30.33 -11.51 -3.22
C TRP G 23 -31.06 -12.66 -3.89
N GLU G 24 -31.33 -13.71 -3.10
CA GLU G 24 -32.10 -14.84 -3.58
C GLU G 24 -33.43 -15.01 -2.86
N ASN G 25 -33.63 -14.34 -1.72
CA ASN G 25 -34.92 -14.34 -1.06
C ASN G 25 -35.27 -12.92 -0.63
N GLU G 26 -36.55 -12.70 -0.35
CA GLU G 26 -37.04 -11.38 0.01
C GLU G 26 -36.79 -11.02 1.46
N GLU G 27 -36.32 -11.98 2.27
CA GLU G 27 -35.93 -11.70 3.65
C GLU G 27 -34.55 -11.05 3.74
N LYS G 28 -33.83 -10.96 2.62
CA LYS G 28 -32.46 -10.48 2.60
C LYS G 28 -31.60 -11.31 3.55
N SER G 29 -31.67 -12.63 3.39
CA SER G 29 -30.96 -13.58 4.24
C SER G 29 -30.08 -14.55 3.48
N ILE G 30 -30.28 -14.74 2.19
CA ILE G 30 -29.50 -15.64 1.36
C ILE G 30 -29.21 -14.94 0.03
N PHE G 31 -27.96 -14.97 -0.42
CA PHE G 31 -27.57 -14.25 -1.62
C PHE G 31 -26.63 -15.12 -2.45
N ARG G 32 -26.28 -14.60 -3.63
CA ARG G 32 -25.40 -15.26 -4.57
C ARG G 32 -24.36 -14.27 -5.06
N ILE G 33 -23.10 -14.70 -5.09
CA ILE G 33 -21.97 -13.85 -5.44
C ILE G 33 -21.24 -14.47 -6.64
N PRO G 34 -21.09 -13.74 -7.74
CA PRO G 34 -20.35 -14.28 -8.89
C PRO G 34 -18.92 -14.61 -8.50
N TRP G 35 -18.39 -15.69 -9.10
CA TRP G 35 -17.09 -16.24 -8.72
C TRP G 35 -16.37 -16.77 -9.96
N LYS G 36 -15.99 -15.86 -10.86
CA LYS G 36 -15.39 -16.23 -12.12
C LYS G 36 -13.87 -16.36 -11.96
N HIS G 37 -13.32 -17.47 -12.45
CA HIS G 37 -11.88 -17.66 -12.47
C HIS G 37 -11.23 -16.65 -13.39
N ALA G 38 -10.06 -16.15 -12.99
CA ALA G 38 -9.38 -15.11 -13.77
C ALA G 38 -8.85 -15.62 -15.10
N GLY G 39 -8.75 -16.92 -15.29
CA GLY G 39 -8.20 -17.43 -16.54
C GLY G 39 -9.24 -17.47 -17.66
N LYS G 40 -10.46 -17.86 -17.33
CA LYS G 40 -11.52 -18.08 -18.31
C LYS G 40 -11.67 -16.88 -19.24
N GLN G 41 -12.08 -17.16 -20.48
CA GLN G 41 -12.25 -16.09 -21.46
C GLN G 41 -13.44 -15.20 -21.12
N ASP G 42 -14.52 -15.80 -20.61
CA ASP G 42 -15.69 -15.01 -20.20
C ASP G 42 -15.42 -14.15 -18.97
N TYR G 43 -14.16 -13.95 -18.58
CA TYR G 43 -13.81 -13.19 -17.38
C TYR G 43 -13.59 -11.73 -17.76
N ASN G 44 -14.53 -10.87 -17.39
CA ASN G 44 -14.40 -9.43 -17.58
C ASN G 44 -13.70 -8.86 -16.35
N ARG G 45 -12.44 -8.44 -16.51
CA ARG G 45 -11.65 -8.02 -15.36
C ARG G 45 -12.28 -6.86 -14.60
N GLU G 46 -12.97 -5.96 -15.29
CA GLU G 46 -13.52 -4.80 -14.59
C GLU G 46 -14.69 -5.19 -13.71
N GLU G 47 -15.70 -5.85 -14.27
CA GLU G 47 -16.89 -6.16 -13.50
C GLU G 47 -16.65 -7.32 -12.54
N ASP G 48 -15.81 -8.29 -12.93
CA ASP G 48 -15.67 -9.51 -12.14
C ASP G 48 -14.73 -9.31 -10.95
N ALA G 49 -13.79 -8.37 -11.04
CA ALA G 49 -12.90 -8.07 -9.93
C ALA G 49 -13.35 -6.86 -9.12
N ALA G 50 -14.47 -6.23 -9.49
CA ALA G 50 -14.86 -4.96 -8.88
C ALA G 50 -15.22 -5.13 -7.40
N LEU G 51 -15.97 -6.17 -7.07
CA LEU G 51 -16.41 -6.35 -5.68
C LEU G 51 -15.22 -6.60 -4.76
N PHE G 52 -14.23 -7.36 -5.21
CA PHE G 52 -13.03 -7.56 -4.40
C PHE G 52 -12.24 -6.26 -4.27
N LYS G 53 -12.10 -5.52 -5.37
CA LYS G 53 -11.40 -4.23 -5.30
C LYS G 53 -12.10 -3.29 -4.35
N ALA G 54 -13.44 -3.33 -4.33
CA ALA G 54 -14.20 -2.51 -3.38
C ALA G 54 -13.82 -2.84 -1.95
N TRP G 55 -13.69 -4.13 -1.64
CA TRP G 55 -13.37 -4.53 -0.27
C TRP G 55 -11.95 -4.12 0.11
N ALA G 56 -11.00 -4.25 -0.83
CA ALA G 56 -9.65 -3.78 -0.56
C ALA G 56 -9.62 -2.28 -0.34
N LEU G 57 -10.35 -1.53 -1.17
CA LEU G 57 -10.41 -0.08 -1.01
C LEU G 57 -11.04 0.29 0.32
N PHE G 58 -12.10 -0.42 0.72
CA PHE G 58 -12.81 -0.07 1.94
C PHE G 58 -11.91 -0.22 3.16
N LYS G 59 -11.23 -1.36 3.28
CA LYS G 59 -10.34 -1.61 4.41
C LYS G 59 -8.99 -0.93 4.26
N GLY G 60 -8.77 -0.17 3.20
CA GLY G 60 -7.56 0.59 3.02
C GLY G 60 -6.35 -0.20 2.55
N LYS G 61 -6.51 -1.49 2.26
CA LYS G 61 -5.37 -2.29 1.83
C LYS G 61 -4.85 -1.83 0.47
N PHE G 62 -5.73 -1.37 -0.41
CA PHE G 62 -5.36 -0.81 -1.70
C PHE G 62 -5.69 0.67 -1.74
N ARG G 63 -4.78 1.46 -2.27
CA ARG G 63 -4.97 2.91 -2.42
C ARG G 63 -4.60 3.27 -3.86
N GLU G 64 -5.59 3.72 -4.64
CA GLU G 64 -5.37 3.94 -6.06
C GLU G 64 -4.31 5.00 -6.29
N GLY G 65 -3.44 4.74 -7.26
CA GLY G 65 -2.33 5.62 -7.56
C GLY G 65 -1.06 5.36 -6.78
N ILE G 66 -1.10 4.48 -5.77
CA ILE G 66 0.04 4.19 -4.92
C ILE G 66 0.49 2.75 -5.06
N ASP G 67 -0.43 1.80 -4.89
CA ASP G 67 -0.10 0.38 -4.91
C ASP G 67 -0.38 -0.23 -6.28
N LYS G 68 0.41 -1.23 -6.63
CA LYS G 68 0.14 -2.00 -7.84
C LYS G 68 -1.09 -2.86 -7.64
N PRO G 69 -2.07 -2.82 -8.54
CA PRO G 69 -3.23 -3.68 -8.38
C PRO G 69 -2.84 -5.16 -8.41
N ASP G 70 -3.53 -5.95 -7.59
CA ASP G 70 -3.31 -7.39 -7.52
C ASP G 70 -4.64 -8.06 -7.23
N PRO G 71 -5.49 -8.21 -8.25
CA PRO G 71 -6.83 -8.76 -8.04
C PRO G 71 -6.83 -10.12 -7.35
N PRO G 72 -5.89 -11.03 -7.66
CA PRO G 72 -5.85 -12.30 -6.91
C PRO G 72 -5.86 -12.14 -5.40
N THR G 73 -4.99 -11.28 -4.86
CA THR G 73 -4.99 -11.04 -3.42
C THR G 73 -6.32 -10.49 -2.93
N TRP G 74 -6.89 -9.52 -3.68
CA TRP G 74 -8.22 -9.03 -3.34
C TRP G 74 -9.22 -10.17 -3.29
N LYS G 75 -9.12 -11.12 -4.22
CA LYS G 75 -10.06 -12.24 -4.25
C LYS G 75 -9.87 -13.16 -3.05
N ARG G 76 -8.61 -13.52 -2.74
CA ARG G 76 -8.37 -14.39 -1.61
C ARG G 76 -8.69 -13.68 -0.30
N ARG G 77 -8.36 -12.39 -0.22
CA ARG G 77 -8.69 -11.60 0.96
C ARG G 77 -10.16 -11.72 1.31
N LEU G 78 -11.03 -11.51 0.32
CA LEU G 78 -12.46 -11.59 0.59
C LEU G 78 -12.86 -13.03 0.92
N ARG G 79 -12.29 -14.00 0.21
CA ARG G 79 -12.67 -15.40 0.42
C ARG G 79 -12.33 -15.86 1.83
N CYS G 80 -11.14 -15.53 2.33
CA CYS G 80 -10.81 -15.87 3.71
C CYS G 80 -11.70 -15.13 4.70
N ALA G 81 -12.17 -13.93 4.33
CA ALA G 81 -13.07 -13.19 5.21
C ALA G 81 -14.41 -13.90 5.35
N LEU G 82 -15.02 -14.32 4.25
CA LEU G 82 -16.26 -15.07 4.34
C LEU G 82 -16.07 -16.36 5.12
N ASN G 83 -14.99 -17.10 4.82
CA ASN G 83 -14.74 -18.37 5.47
C ASN G 83 -14.62 -18.21 6.98
N LYS G 84 -13.92 -17.16 7.42
CA LYS G 84 -13.63 -16.99 8.83
C LYS G 84 -14.83 -16.48 9.61
N SER G 85 -15.48 -15.44 9.11
CA SER G 85 -16.54 -14.77 9.86
C SER G 85 -17.76 -15.68 10.01
N ASN G 86 -18.44 -15.54 11.14
CA ASN G 86 -19.62 -16.35 11.41
C ASN G 86 -20.88 -15.78 10.78
N ASP G 87 -20.90 -14.49 10.44
CA ASP G 87 -22.08 -13.87 9.86
C ASP G 87 -22.43 -14.46 8.49
N PHE G 88 -21.48 -15.11 7.83
CA PHE G 88 -21.68 -15.68 6.50
C PHE G 88 -21.30 -17.15 6.50
N GLU G 89 -22.16 -17.97 5.93
CA GLU G 89 -21.93 -19.41 5.81
C GLU G 89 -22.36 -19.85 4.43
N GLU G 90 -21.48 -20.56 3.72
CA GLU G 90 -21.74 -20.92 2.33
C GLU G 90 -22.64 -22.14 2.24
N LEU G 91 -23.77 -22.00 1.55
CA LEU G 91 -24.60 -23.14 1.19
C LEU G 91 -23.97 -23.75 -0.06
N VAL G 92 -23.17 -24.80 0.14
CA VAL G 92 -22.33 -25.31 -0.93
C VAL G 92 -23.16 -25.97 -2.03
N GLU G 93 -24.16 -26.76 -1.65
CA GLU G 93 -24.89 -27.51 -2.65
C GLU G 93 -25.78 -26.64 -3.52
N ARG G 94 -25.97 -25.36 -3.19
CA ARG G 94 -26.59 -24.42 -4.10
C ARG G 94 -25.59 -23.72 -5.01
N SER G 95 -24.34 -23.59 -4.58
CA SER G 95 -23.34 -22.88 -5.36
C SER G 95 -22.92 -23.69 -6.58
N GLN G 96 -23.00 -23.06 -7.76
CA GLN G 96 -22.64 -23.69 -9.03
C GLN G 96 -21.28 -23.14 -9.46
N LEU G 97 -20.22 -23.90 -9.19
CA LEU G 97 -18.86 -23.49 -9.52
C LEU G 97 -18.37 -24.15 -10.81
N ASP G 98 -19.29 -24.57 -11.69
CA ASP G 98 -18.93 -25.32 -12.89
C ASP G 98 -19.71 -24.89 -14.12
N ILE G 99 -20.32 -23.71 -14.12
CA ILE G 99 -21.16 -23.24 -15.23
C ILE G 99 -20.40 -22.15 -15.99
N SER G 100 -20.93 -21.75 -17.15
CA SER G 100 -20.37 -20.63 -17.89
C SER G 100 -20.33 -19.36 -17.04
N ASP G 101 -21.36 -19.15 -16.23
CA ASP G 101 -21.42 -18.03 -15.29
C ASP G 101 -21.41 -18.62 -13.89
N PRO G 102 -20.25 -18.86 -13.31
CA PRO G 102 -20.18 -19.51 -12.00
C PRO G 102 -20.45 -18.55 -10.85
N TYR G 103 -20.99 -19.10 -9.77
CA TYR G 103 -21.38 -18.31 -8.61
C TYR G 103 -21.29 -19.16 -7.36
N LYS G 104 -21.40 -18.48 -6.22
CA LYS G 104 -21.52 -19.11 -4.92
C LYS G 104 -22.76 -18.58 -4.21
N VAL G 105 -23.39 -19.42 -3.41
CA VAL G 105 -24.57 -19.06 -2.64
C VAL G 105 -24.20 -19.04 -1.16
N TYR G 106 -24.55 -17.95 -0.49
CA TYR G 106 -24.21 -17.75 0.91
C TYR G 106 -25.48 -17.48 1.71
N ARG G 107 -25.42 -17.73 3.02
CA ARG G 107 -26.52 -17.43 3.91
C ARG G 107 -26.01 -16.61 5.07
N ILE G 108 -26.85 -15.69 5.53
CA ILE G 108 -26.48 -14.72 6.56
C ILE G 108 -27.07 -15.20 7.88
N VAL G 109 -26.32 -15.01 8.95
CA VAL G 109 -26.65 -15.55 10.26
C VAL G 109 -26.89 -14.36 11.20
N PRO G 110 -28.01 -14.35 11.95
CA PRO G 110 -28.39 -13.26 12.87
C PRO G 110 -27.26 -12.88 13.83
N GLY H 3 6.60 -3.92 36.05
CA GLY H 3 7.48 -3.96 34.89
C GLY H 3 8.47 -5.11 34.95
N LYS H 4 7.98 -6.31 34.65
CA LYS H 4 8.82 -7.50 34.65
C LYS H 4 9.45 -7.80 33.29
N LEU H 5 8.94 -7.20 32.21
CA LEU H 5 9.44 -7.52 30.87
C LEU H 5 10.82 -7.00 30.52
N ARG H 6 11.08 -5.73 30.84
CA ARG H 6 12.35 -5.06 30.59
C ARG H 6 13.69 -5.67 30.96
N GLN H 7 13.85 -5.97 32.26
CA GLN H 7 15.03 -6.69 32.73
C GLN H 7 15.01 -8.14 32.29
N TRP H 8 13.83 -8.76 32.26
CA TRP H 8 13.73 -10.14 31.77
C TRP H 8 14.37 -10.26 30.40
N LEU H 9 14.05 -9.32 29.50
CA LEU H 9 14.53 -9.41 28.13
C LEU H 9 16.03 -9.14 28.04
N ILE H 10 16.53 -8.10 28.73
CA ILE H 10 17.96 -7.84 28.73
C ILE H 10 18.73 -9.07 29.19
N ASP H 11 18.21 -9.75 30.22
CA ASP H 11 18.83 -10.98 30.67
C ASP H 11 18.84 -12.05 29.57
N GLN H 12 17.76 -12.15 28.80
CA GLN H 12 17.72 -13.19 27.76
C GLN H 12 18.55 -12.84 26.53
N ILE H 13 18.76 -11.55 26.26
CA ILE H 13 19.68 -11.19 25.19
C ILE H 13 21.12 -11.33 25.66
N ASP H 14 21.40 -10.93 26.89
CA ASP H 14 22.75 -11.06 27.45
C ASP H 14 23.14 -12.51 27.68
N SER H 15 22.17 -13.42 27.78
CA SER H 15 22.49 -14.83 28.01
C SER H 15 23.14 -15.47 26.79
N GLY H 16 22.76 -15.03 25.60
CA GLY H 16 23.29 -15.63 24.38
C GLY H 16 22.77 -17.03 24.15
N LYS H 17 21.87 -17.49 25.04
CA LYS H 17 21.30 -18.82 24.92
C LYS H 17 20.31 -18.93 23.76
N TYR H 18 19.96 -17.81 23.13
CA TYR H 18 18.99 -17.81 22.03
C TYR H 18 19.68 -17.36 20.75
N PRO H 19 19.88 -18.26 19.78
CA PRO H 19 20.48 -17.84 18.50
C PRO H 19 19.56 -16.87 17.77
N GLY H 20 20.10 -15.70 17.48
CA GLY H 20 19.35 -14.63 16.85
C GLY H 20 19.02 -13.47 17.78
N LEU H 21 18.94 -13.71 19.08
CA LEU H 21 18.65 -12.67 20.08
C LEU H 21 19.96 -12.00 20.48
N VAL H 22 20.37 -10.98 19.72
CA VAL H 22 21.70 -10.40 19.87
C VAL H 22 21.63 -8.87 19.85
N TRP H 23 22.65 -8.26 20.45
CA TRP H 23 22.79 -6.81 20.45
C TRP H 23 23.31 -6.32 19.11
N GLU H 24 22.95 -5.09 18.76
CA GLU H 24 23.43 -4.45 17.55
C GLU H 24 24.53 -3.43 17.81
N ASN H 25 24.67 -2.98 19.05
CA ASN H 25 25.68 -1.99 19.41
C ASN H 25 26.38 -2.42 20.70
N GLU H 26 27.57 -1.86 20.93
CA GLU H 26 28.27 -2.11 22.18
C GLU H 26 27.58 -1.44 23.37
N GLU H 27 26.79 -0.40 23.12
CA GLU H 27 26.03 0.24 24.19
C GLU H 27 24.91 -0.65 24.73
N LYS H 28 24.65 -1.79 24.09
CA LYS H 28 23.63 -2.74 24.50
C LYS H 28 22.28 -2.04 24.73
N SER H 29 21.84 -1.34 23.69
CA SER H 29 20.57 -0.63 23.73
C SER H 29 19.71 -0.85 22.49
N ILE H 30 20.21 -1.56 21.48
CA ILE H 30 19.44 -1.92 20.29
C ILE H 30 19.73 -3.39 20.00
N PHE H 31 18.66 -4.17 19.80
CA PHE H 31 18.81 -5.60 19.58
C PHE H 31 17.90 -6.08 18.46
N ARG H 32 18.31 -7.18 17.84
CA ARG H 32 17.45 -7.91 16.92
C ARG H 32 16.69 -8.97 17.71
N ILE H 33 15.48 -9.26 17.23
CA ILE H 33 14.74 -10.43 17.73
C ILE H 33 14.16 -11.17 16.52
N PRO H 34 14.56 -12.41 16.28
CA PRO H 34 14.04 -13.14 15.12
C PRO H 34 12.54 -13.33 15.23
N TRP H 35 11.88 -13.35 14.07
CA TRP H 35 10.44 -13.24 13.98
C TRP H 35 9.95 -14.19 12.88
N LYS H 36 10.28 -15.48 13.01
CA LYS H 36 9.95 -16.43 11.96
C LYS H 36 8.49 -16.86 12.05
N HIS H 37 7.87 -17.05 10.90
CA HIS H 37 6.50 -17.52 10.82
C HIS H 37 6.51 -19.03 10.99
N ALA H 38 5.65 -19.52 11.87
CA ALA H 38 5.65 -20.97 12.13
C ALA H 38 5.10 -21.73 10.94
N GLY H 39 5.33 -23.04 10.91
CA GLY H 39 4.77 -23.88 9.84
C GLY H 39 3.49 -24.36 10.49
N LYS H 40 2.49 -24.71 9.70
CA LYS H 40 1.28 -25.39 10.24
C LYS H 40 1.81 -26.74 10.76
N GLN H 41 2.77 -27.33 10.05
CA GLN H 41 3.16 -28.76 10.22
C GLN H 41 4.29 -29.53 10.91
N ASP H 42 5.50 -28.98 10.87
CA ASP H 42 6.66 -29.59 11.56
C ASP H 42 6.44 -29.45 13.07
N ASP H 48 12.67 -21.24 16.82
CA ASP H 48 12.12 -22.15 17.85
C ASP H 48 11.30 -21.36 18.88
N ALA H 49 10.44 -22.05 19.62
CA ALA H 49 9.58 -21.37 20.61
C ALA H 49 10.37 -21.16 21.90
N ALA H 50 11.65 -21.51 21.88
CA ALA H 50 12.47 -21.39 23.10
C ALA H 50 12.10 -20.10 23.84
N LEU H 51 12.31 -18.95 23.21
CA LEU H 51 12.07 -17.68 23.93
C LEU H 51 10.59 -17.63 24.29
N PHE H 52 9.74 -18.09 23.40
CA PHE H 52 8.33 -17.93 23.73
C PHE H 52 7.92 -18.86 24.87
N LYS H 53 8.49 -20.08 24.88
CA LYS H 53 8.29 -20.96 26.03
C LYS H 53 8.90 -20.36 27.30
N ALA H 54 10.09 -19.79 27.19
CA ALA H 54 10.76 -19.22 28.35
C ALA H 54 9.89 -18.17 29.04
N TRP H 55 9.26 -17.29 28.24
CA TRP H 55 8.37 -16.30 28.82
C TRP H 55 7.11 -16.93 29.38
N ALA H 56 6.63 -18.00 28.75
CA ALA H 56 5.50 -18.73 29.32
C ALA H 56 5.89 -19.35 30.67
N LEU H 57 7.10 -19.86 30.78
CA LEU H 57 7.58 -20.40 32.05
C LEU H 57 7.79 -19.28 33.07
N PHE H 58 8.50 -18.22 32.67
CA PHE H 58 8.89 -17.18 33.61
C PHE H 58 7.67 -16.51 34.25
N LYS H 59 6.64 -16.26 33.46
CA LYS H 59 5.40 -15.69 33.99
C LYS H 59 4.46 -16.75 34.54
N GLY H 60 4.90 -18.01 34.59
CA GLY H 60 4.07 -19.07 35.13
C GLY H 60 2.79 -19.31 34.37
N LYS H 61 2.80 -19.08 33.06
CA LYS H 61 1.62 -19.32 32.23
C LYS H 61 1.57 -20.73 31.67
N PHE H 62 2.59 -21.54 31.93
CA PHE H 62 2.64 -22.90 31.41
C PHE H 62 3.53 -23.71 32.34
N ARG H 63 2.99 -24.80 32.88
CA ARG H 63 3.71 -25.69 33.78
C ARG H 63 4.03 -26.97 33.03
N GLU H 64 5.33 -27.25 32.86
CA GLU H 64 5.75 -28.44 32.13
C GLU H 64 5.12 -29.69 32.72
N GLY H 65 4.76 -30.62 31.84
CA GLY H 65 4.12 -31.86 32.25
C GLY H 65 2.72 -31.71 32.81
N ILE H 66 2.16 -30.50 32.80
CA ILE H 66 0.83 -30.27 33.36
C ILE H 66 -0.10 -29.68 32.29
N ASP H 67 0.44 -28.86 31.40
CA ASP H 67 -0.34 -28.20 30.37
C ASP H 67 0.12 -28.64 28.99
N LYS H 68 -0.70 -28.31 28.00
CA LYS H 68 -0.40 -28.64 26.61
C LYS H 68 0.36 -27.51 25.95
N PRO H 69 1.55 -27.76 25.39
CA PRO H 69 2.29 -26.69 24.72
C PRO H 69 1.50 -26.05 23.60
N ASP H 70 1.54 -24.72 23.56
CA ASP H 70 0.91 -23.94 22.49
C ASP H 70 1.92 -22.89 22.07
N PRO H 71 2.72 -23.17 21.05
CA PRO H 71 3.70 -22.18 20.57
C PRO H 71 3.03 -20.94 19.97
N PRO H 72 1.90 -21.07 19.24
CA PRO H 72 1.21 -19.84 18.78
C PRO H 72 0.92 -18.81 19.86
N THR H 73 0.25 -19.21 20.95
CA THR H 73 -0.13 -18.21 21.94
C THR H 73 1.08 -17.71 22.72
N TRP H 74 1.99 -18.61 23.10
CA TRP H 74 3.20 -18.18 23.80
C TRP H 74 3.92 -17.08 23.05
N LYS H 75 4.17 -17.30 21.77
CA LYS H 75 4.75 -16.27 20.92
C LYS H 75 3.92 -15.00 20.98
N ARG H 76 2.63 -15.09 20.65
CA ARG H 76 1.73 -13.95 20.62
C ARG H 76 1.85 -13.09 21.88
N ARG H 77 1.78 -13.71 23.06
CA ARG H 77 1.86 -12.98 24.32
C ARG H 77 3.09 -12.08 24.38
N LEU H 78 4.27 -12.64 24.12
CA LEU H 78 5.50 -11.89 24.24
C LEU H 78 5.51 -10.68 23.30
N ARG H 79 5.43 -10.93 21.99
CA ARG H 79 5.58 -9.85 21.02
C ARG H 79 4.51 -8.79 21.22
N CYS H 80 3.30 -9.21 21.55
CA CYS H 80 2.20 -8.28 21.76
C CYS H 80 2.52 -7.30 22.87
N ALA H 81 2.69 -7.81 24.10
CA ALA H 81 2.99 -6.94 25.24
C ALA H 81 4.22 -6.09 24.98
N LEU H 82 5.22 -6.65 24.29
CA LEU H 82 6.38 -5.86 23.88
C LEU H 82 5.96 -4.69 23.01
N ASN H 83 5.16 -4.95 21.97
CA ASN H 83 4.68 -3.88 21.09
C ASN H 83 3.96 -2.80 21.88
N LYS H 84 3.40 -3.15 23.03
CA LYS H 84 2.72 -2.20 23.90
C LYS H 84 3.63 -1.64 24.99
N SER H 85 4.79 -2.26 25.24
CA SER H 85 5.71 -1.74 26.23
C SER H 85 6.25 -0.38 25.80
N ASN H 86 6.38 0.53 26.76
CA ASN H 86 7.01 1.82 26.51
C ASN H 86 8.52 1.77 26.62
N ASP H 87 9.06 0.80 27.35
CA ASP H 87 10.50 0.64 27.50
C ASP H 87 11.17 0.12 26.22
N PHE H 88 10.38 -0.27 25.22
CA PHE H 88 10.90 -0.76 23.95
C PHE H 88 10.26 0.02 22.81
N GLU H 89 11.08 0.49 21.87
CA GLU H 89 10.64 1.18 20.68
C GLU H 89 11.14 0.41 19.47
N GLU H 90 10.24 0.06 18.56
CA GLU H 90 10.67 -0.66 17.37
C GLU H 90 11.37 0.29 16.40
N LEU H 91 12.54 -0.12 15.92
CA LEU H 91 13.21 0.58 14.82
C LEU H 91 12.74 -0.08 13.53
N VAL H 92 11.50 0.23 13.16
CA VAL H 92 10.84 -0.42 12.03
C VAL H 92 11.60 -0.20 10.72
N GLU H 93 12.42 0.84 10.63
CA GLU H 93 13.26 1.04 9.45
C GLU H 93 14.42 0.05 9.39
N ARG H 94 14.76 -0.58 10.51
CA ARG H 94 15.82 -1.59 10.54
C ARG H 94 15.29 -3.02 10.50
N SER H 95 14.05 -3.23 10.96
CA SER H 95 13.45 -4.56 10.96
C SER H 95 13.59 -5.20 9.58
N GLN H 96 13.91 -6.48 9.57
CA GLN H 96 14.11 -7.26 8.34
C GLN H 96 13.20 -8.47 8.39
N LEU H 97 11.99 -8.31 7.85
CA LEU H 97 11.00 -9.37 7.83
C LEU H 97 10.93 -10.08 6.48
N ASP H 98 11.70 -9.62 5.49
CA ASP H 98 11.61 -10.09 4.13
C ASP H 98 12.64 -11.16 3.78
N ILE H 99 13.46 -11.57 4.74
CA ILE H 99 14.61 -12.40 4.47
C ILE H 99 14.42 -13.75 5.16
N SER H 100 15.22 -14.73 4.73
CA SER H 100 15.36 -15.95 5.51
C SER H 100 16.05 -15.61 6.84
N ASP H 101 15.56 -16.23 7.92
CA ASP H 101 15.87 -15.82 9.28
C ASP H 101 15.45 -14.35 9.46
N PRO H 102 14.16 -14.05 9.37
CA PRO H 102 13.72 -12.65 9.53
C PRO H 102 13.79 -12.21 10.98
N TYR H 103 13.67 -10.91 11.20
CA TYR H 103 13.80 -10.37 12.55
C TYR H 103 13.26 -8.95 12.59
N LYS H 104 13.04 -8.47 13.81
CA LYS H 104 12.66 -7.09 14.07
C LYS H 104 13.73 -6.45 14.94
N VAL H 105 13.94 -5.16 14.76
CA VAL H 105 14.97 -4.42 15.50
C VAL H 105 14.28 -3.50 16.49
N TYR H 106 14.70 -3.58 17.76
CA TYR H 106 14.11 -2.82 18.84
C TYR H 106 15.20 -2.06 19.59
N ARG H 107 14.82 -0.93 20.18
CA ARG H 107 15.71 -0.15 21.02
C ARG H 107 15.15 -0.14 22.44
N ILE H 108 16.02 -0.35 23.42
CA ILE H 108 15.63 -0.32 24.83
C ILE H 108 15.65 1.16 25.25
N VAL H 109 14.46 1.76 25.31
CA VAL H 109 14.32 3.13 25.79
C VAL H 109 14.25 3.06 27.31
N PRO H 110 15.25 3.56 28.02
CA PRO H 110 15.21 3.49 29.49
C PRO H 110 14.32 4.58 30.06
N GLU H 111 13.77 4.27 31.24
CA GLU H 111 12.73 5.11 31.83
C GLU H 111 13.23 5.89 33.05
#